data_6X4L
#
_entry.id   6X4L
#
_cell.length_a   98.514
_cell.length_b   98.514
_cell.length_c   68.820
_cell.angle_alpha   90.000
_cell.angle_beta   90.000
_cell.angle_gamma   120.000
#
_symmetry.space_group_name_H-M   'P 31 2 1'
#
loop_
_entity.id
_entity.type
_entity.pdbx_description
1 polymer 'Pantothenate kinase 3'
2 non-polymer 1-[4-(5-chloropyrazin-2-yl)piperazin-1-yl]-2-[4-(propan-2-yl)phenyl]ethan-1-one
3 non-polymer 'PHOSPHOAMINOPHOSPHONIC ACID-ADENYLATE ESTER'
4 non-polymer 'MAGNESIUM ION'
5 non-polymer 1,2-ETHANEDIOL
6 non-polymer 'CHLORIDE ION'
7 water water
#
_entity_poly.entity_id   1
_entity_poly.type   'polypeptide(L)'
_entity_poly.pdbx_seq_one_letter_code
;MGSSHHHHHHSSGLVPRGSPWFGMDIGGTLVKLSYFEPIDITAEEEQEEVESLKSIRKYLTSNVAYGSTGIRDVHLELKD
LTLFGRRGNLHFIRFPTQDLPTFIQMGRDKNFSTLQTVLCATGGGAYKFEKDFRTIGNLHLHKLDELDCLVKGLLYIDSV
SFNGQAECYYFANASEPERCQKMPFNLDDPYPLLVVNIGSGVSILAVHSKDNYKRVTGTSLGGGTFLGLCSLLTGCESFE
EALEMASKGDSTQADKLVRDIYGGDYERFGLPGWAVASSFGNMIYKEKRESVSKEDLARATLVTITNNIGSVARMCAVNE
KINRVVFVGNFLRVNTLSMKLLAYALDYWSKGQLKALFLEHEGYFGAVGALLGLPNFSDD
;
_entity_poly.pdbx_strand_id   A
#
# COMPACT_ATOMS: atom_id res chain seq x y z
N SER A 19 -8.86 -14.28 24.13
CA SER A 19 -9.14 -13.68 22.83
C SER A 19 -7.94 -12.94 22.25
N PRO A 20 -7.41 -13.41 21.12
CA PRO A 20 -6.30 -12.70 20.47
C PRO A 20 -6.78 -11.39 19.88
N TRP A 21 -5.88 -10.40 19.88
CA TRP A 21 -6.17 -9.05 19.40
C TRP A 21 -5.68 -8.93 17.96
N PHE A 22 -6.62 -9.03 17.01
CA PHE A 22 -6.39 -8.89 15.58
C PHE A 22 -7.07 -7.64 15.05
N GLY A 23 -6.50 -7.07 14.01
CA GLY A 23 -7.23 -6.19 13.11
C GLY A 23 -7.06 -6.70 11.71
N MET A 24 -8.13 -6.63 10.91
CA MET A 24 -8.08 -7.22 9.58
C MET A 24 -8.66 -6.31 8.52
N ASP A 25 -7.94 -6.15 7.43
CA ASP A 25 -8.36 -5.37 6.28
C ASP A 25 -8.46 -6.34 5.10
N ILE A 26 -9.68 -6.68 4.69
CA ILE A 26 -9.87 -7.62 3.58
C ILE A 26 -10.07 -6.77 2.33
N GLY A 27 -9.03 -6.66 1.51
CA GLY A 27 -9.10 -5.91 0.28
C GLY A 27 -9.56 -6.76 -0.91
N GLY A 28 -9.63 -6.09 -2.06
CA GLY A 28 -9.97 -6.81 -3.28
C GLY A 28 -8.94 -7.85 -3.69
N THR A 29 -7.67 -7.62 -3.32
CA THR A 29 -6.55 -8.50 -3.71
C THR A 29 -5.89 -9.17 -2.50
N LEU A 30 -5.59 -8.42 -1.46
CA LEU A 30 -4.83 -8.92 -0.31
C LEU A 30 -5.60 -8.73 0.98
N VAL A 31 -5.49 -9.70 1.88
CA VAL A 31 -5.93 -9.57 3.26
C VAL A 31 -4.71 -9.15 4.06
N LYS A 32 -4.85 -8.09 4.85
CA LYS A 32 -3.81 -7.65 5.76
C LYS A 32 -4.29 -7.86 7.18
N LEU A 33 -3.40 -8.36 8.03
CA LEU A 33 -3.73 -8.69 9.41
C LEU A 33 -2.69 -8.08 10.33
N SER A 34 -3.13 -7.34 11.34
CA SER A 34 -2.25 -6.87 12.39
C SER A 34 -2.59 -7.67 13.64
N TYR A 35 -1.56 -8.18 14.29
CA TYR A 35 -1.74 -9.03 15.46
C TYR A 35 -0.85 -8.51 16.57
N PHE A 36 -1.44 -8.32 17.74
CA PHE A 36 -0.72 -7.80 18.90
C PHE A 36 -0.37 -8.97 19.82
N GLU A 37 0.92 -9.24 19.98
CA GLU A 37 1.41 -10.34 20.79
C GLU A 37 1.79 -9.83 22.17
N PRO A 38 1.05 -10.14 23.23
CA PRO A 38 1.47 -9.68 24.56
C PRO A 38 2.78 -10.32 24.97
N ILE A 39 3.67 -9.49 25.53
CA ILE A 39 4.95 -9.97 26.05
C ILE A 39 5.07 -9.75 27.56
N ASP A 40 4.01 -9.29 28.20
CA ASP A 40 3.96 -9.10 29.65
C ASP A 40 3.03 -10.12 30.30
N ILE A 41 3.02 -11.33 29.75
CA ILE A 41 2.15 -12.39 30.24
C ILE A 41 2.68 -12.84 31.60
N THR A 42 1.88 -12.65 32.64
CA THR A 42 2.30 -13.02 33.99
C THR A 42 2.23 -14.54 34.17
N ALA A 43 2.63 -14.99 35.35
CA ALA A 43 2.58 -16.42 35.67
C ALA A 43 1.14 -16.92 35.73
N GLU A 44 0.26 -16.16 36.38
CA GLU A 44 -1.15 -16.56 36.45
C GLU A 44 -1.80 -16.53 35.07
N GLU A 45 -1.46 -15.54 34.25
CA GLU A 45 -2.04 -15.47 32.91
C GLU A 45 -1.60 -16.65 32.05
N GLU A 46 -0.33 -17.04 32.14
CA GLU A 46 0.14 -18.21 31.40
C GLU A 46 -0.60 -19.47 31.84
N GLN A 47 -0.86 -19.60 33.14
CA GLN A 47 -1.56 -20.78 33.64
C GLN A 47 -3.03 -20.80 33.20
N GLU A 48 -3.70 -19.66 33.22
CA GLU A 48 -5.09 -19.55 32.82
C GLU A 48 -5.28 -19.47 31.31
N GLU A 49 -4.23 -19.67 30.53
CA GLU A 49 -4.34 -19.61 29.07
C GLU A 49 -5.02 -20.86 28.53
N VAL A 50 -6.07 -20.67 27.73
CA VAL A 50 -6.66 -21.81 27.04
C VAL A 50 -5.71 -22.31 25.98
N GLU A 51 -5.58 -23.63 25.86
CA GLU A 51 -4.56 -24.22 25.00
C GLU A 51 -4.67 -23.72 23.56
N SER A 52 -5.89 -23.53 23.06
CA SER A 52 -6.05 -23.04 21.70
C SER A 52 -5.51 -21.62 21.54
N LEU A 53 -5.66 -20.79 22.57
CA LEU A 53 -5.07 -19.46 22.56
C LEU A 53 -3.55 -19.54 22.55
N LYS A 54 -3.00 -20.50 23.30
CA LYS A 54 -1.56 -20.70 23.31
C LYS A 54 -1.07 -21.18 21.95
N SER A 55 -1.83 -22.08 21.30
CA SER A 55 -1.40 -22.62 20.01
C SER A 55 -1.42 -21.54 18.94
N ILE A 56 -2.39 -20.63 18.98
CA ILE A 56 -2.42 -19.51 18.04
C ILE A 56 -1.16 -18.68 18.17
N ARG A 57 -0.85 -18.26 19.40
CA ARG A 57 0.31 -17.40 19.60
C ARG A 57 1.59 -18.11 19.17
N LYS A 58 1.75 -19.38 19.53
CA LYS A 58 2.94 -20.12 19.13
C LYS A 58 3.02 -20.27 17.62
N TYR A 59 1.90 -20.60 16.98
CA TYR A 59 1.89 -20.76 15.52
C TYR A 59 2.26 -19.47 14.84
N LEU A 60 1.74 -18.35 15.32
CA LEU A 60 1.93 -17.09 14.60
C LEU A 60 3.34 -16.54 14.78
N THR A 61 3.93 -16.71 15.97
CA THR A 61 5.25 -16.17 16.27
C THR A 61 6.40 -17.12 15.93
N SER A 62 6.13 -18.41 15.69
CA SER A 62 7.19 -19.36 15.35
C SER A 62 7.24 -19.68 13.87
N ASN A 63 6.37 -19.07 13.06
CA ASN A 63 6.39 -19.23 11.62
C ASN A 63 6.36 -17.86 10.97
N VAL A 64 7.05 -17.76 9.83
CA VAL A 64 6.99 -16.55 9.01
C VAL A 64 6.26 -16.80 7.71
N ALA A 65 6.09 -18.04 7.28
CA ALA A 65 5.21 -18.40 6.19
C ALA A 65 4.07 -19.22 6.78
N TYR A 66 2.85 -18.93 6.35
CA TYR A 66 1.67 -19.60 6.88
C TYR A 66 0.98 -20.31 5.72
N GLY A 67 0.90 -21.64 5.78
CA GLY A 67 0.43 -22.34 4.60
C GLY A 67 1.34 -22.06 3.40
N SER A 68 0.72 -22.02 2.22
CA SER A 68 1.47 -21.75 1.00
C SER A 68 1.47 -20.28 0.60
N THR A 69 0.56 -19.46 1.14
CA THR A 69 0.43 -18.08 0.65
C THR A 69 0.44 -17.01 1.73
N GLY A 70 0.49 -17.35 3.01
CA GLY A 70 0.55 -16.34 4.06
C GLY A 70 1.98 -15.98 4.39
N ILE A 71 2.22 -14.70 4.64
CA ILE A 71 3.56 -14.20 4.95
C ILE A 71 3.49 -13.22 6.10
N ARG A 72 4.38 -13.38 7.07
CA ARG A 72 4.60 -12.37 8.09
C ARG A 72 5.75 -11.47 7.65
N ASP A 73 5.49 -10.17 7.56
CA ASP A 73 6.51 -9.18 7.22
C ASP A 73 7.30 -8.86 8.50
N VAL A 74 8.30 -9.70 8.78
CA VAL A 74 9.00 -9.62 10.08
C VAL A 74 9.65 -8.25 10.27
N HIS A 75 10.19 -7.67 9.19
CA HIS A 75 10.92 -6.41 9.31
C HIS A 75 10.05 -5.24 9.73
N LEU A 76 8.73 -5.33 9.57
CA LEU A 76 7.83 -4.25 9.98
C LEU A 76 7.40 -4.35 11.45
N GLU A 77 7.69 -5.45 12.12
CA GLU A 77 7.26 -5.65 13.51
C GLU A 77 7.59 -4.44 14.38
N LEU A 78 6.59 -3.98 15.16
CA LEU A 78 6.82 -2.99 16.22
C LEU A 78 7.01 -3.72 17.54
N LYS A 79 8.17 -3.56 18.15
CA LYS A 79 8.52 -4.30 19.36
C LYS A 79 8.33 -3.44 20.60
N ASP A 80 7.84 -4.05 21.67
CA ASP A 80 7.64 -3.38 22.97
C ASP A 80 6.72 -2.17 22.84
N LEU A 81 5.65 -2.37 22.07
CA LEU A 81 4.58 -1.38 21.98
C LEU A 81 3.65 -1.53 23.18
N THR A 82 3.18 -0.39 23.69
CA THR A 82 2.15 -0.37 24.71
C THR A 82 0.81 -0.09 24.05
N LEU A 83 -0.11 -1.05 24.12
CA LEU A 83 -1.40 -0.92 23.48
C LEU A 83 -2.48 -1.45 24.42
N PHE A 84 -3.52 -0.66 24.62
CA PHE A 84 -4.61 -1.01 25.54
C PHE A 84 -4.09 -1.32 26.93
N GLY A 85 -3.03 -0.62 27.35
CA GLY A 85 -2.44 -0.82 28.66
C GLY A 85 -1.57 -2.06 28.81
N ARG A 86 -1.32 -2.80 27.73
CA ARG A 86 -0.44 -3.95 27.76
C ARG A 86 0.78 -3.65 26.88
N ARG A 87 1.92 -4.23 27.25
CA ARG A 87 3.08 -4.21 26.38
C ARG A 87 3.12 -5.45 25.52
N GLY A 88 3.45 -5.26 24.25
CA GLY A 88 3.59 -6.40 23.36
C GLY A 88 4.21 -5.98 22.05
N ASN A 89 4.23 -6.92 21.11
CA ASN A 89 4.77 -6.70 19.78
C ASN A 89 3.62 -6.67 18.78
N LEU A 90 3.69 -5.75 17.84
CA LEU A 90 2.67 -5.68 16.80
C LEU A 90 3.21 -6.32 15.54
N HIS A 91 2.53 -7.36 15.07
CA HIS A 91 2.94 -8.13 13.91
C HIS A 91 2.06 -7.80 12.72
N PHE A 92 2.64 -7.96 11.52
CA PHE A 92 2.01 -7.59 10.26
C PHE A 92 2.07 -8.78 9.31
N ILE A 93 0.89 -9.24 8.88
CA ILE A 93 0.74 -10.50 8.16
C ILE A 93 -0.17 -10.25 6.95
N ARG A 94 0.13 -10.90 5.82
CA ARG A 94 -0.70 -10.72 4.63
C ARG A 94 -0.90 -12.05 3.91
N PHE A 95 -2.02 -12.15 3.19
CA PHE A 95 -2.24 -13.31 2.32
C PHE A 95 -3.28 -12.91 1.28
N PRO A 96 -3.38 -13.65 0.17
CA PRO A 96 -4.33 -13.27 -0.88
C PRO A 96 -5.76 -13.46 -0.42
N THR A 97 -6.61 -12.49 -0.79
CA THR A 97 -8.03 -12.61 -0.48
C THR A 97 -8.61 -13.89 -1.06
N GLN A 98 -8.11 -14.31 -2.21
CA GLN A 98 -8.51 -15.57 -2.82
C GLN A 98 -8.38 -16.75 -1.86
N ASP A 99 -7.47 -16.66 -0.88
CA ASP A 99 -7.26 -17.77 0.04
C ASP A 99 -7.96 -17.56 1.38
N LEU A 100 -8.83 -16.56 1.46
CA LEU A 100 -9.58 -16.37 2.71
C LEU A 100 -10.43 -17.59 3.08
N PRO A 101 -11.11 -18.29 2.14
CA PRO A 101 -11.81 -19.52 2.54
C PRO A 101 -10.95 -20.49 3.31
N THR A 102 -9.69 -20.66 2.91
CA THR A 102 -8.77 -21.49 3.67
C THR A 102 -8.57 -20.95 5.09
N PHE A 103 -8.37 -19.65 5.23
CA PHE A 103 -8.18 -19.05 6.55
C PHE A 103 -9.39 -19.26 7.44
N ILE A 104 -10.60 -19.11 6.88
CA ILE A 104 -11.82 -19.28 7.68
C ILE A 104 -12.02 -20.75 8.04
N GLN A 105 -11.79 -21.65 7.07
CA GLN A 105 -11.89 -23.09 7.36
C GLN A 105 -10.96 -23.48 8.50
N MET A 106 -9.71 -23.00 8.48
CA MET A 106 -8.80 -23.32 9.57
C MET A 106 -9.20 -22.62 10.86
N GLY A 107 -9.91 -21.48 10.77
CA GLY A 107 -10.50 -20.87 11.94
C GLY A 107 -11.62 -21.68 12.57
N ARG A 108 -12.29 -22.52 11.80
CA ARG A 108 -13.37 -23.35 12.33
C ARG A 108 -12.88 -24.63 12.99
N ASP A 109 -11.59 -24.93 12.91
CA ASP A 109 -11.02 -26.11 13.56
C ASP A 109 -11.26 -26.09 15.07
N THR A 117 -13.68 -14.66 20.49
CA THR A 117 -12.88 -13.79 19.61
C THR A 117 -13.71 -12.65 19.03
N VAL A 118 -13.25 -11.43 19.25
CA VAL A 118 -13.83 -10.24 18.64
C VAL A 118 -12.94 -9.83 17.49
N LEU A 119 -13.53 -9.71 16.30
CA LEU A 119 -12.76 -9.43 15.09
C LEU A 119 -13.23 -8.11 14.50
N CYS A 120 -12.40 -7.09 14.61
CA CYS A 120 -12.62 -5.83 13.91
C CYS A 120 -12.06 -5.97 12.50
N ALA A 121 -12.92 -5.75 11.50
CA ALA A 121 -12.58 -6.00 10.11
C ALA A 121 -13.01 -4.82 9.25
N THR A 122 -12.18 -4.48 8.28
CA THR A 122 -12.44 -3.36 7.40
C THR A 122 -12.14 -3.82 5.99
N GLY A 123 -12.22 -2.90 5.04
CA GLY A 123 -12.11 -3.26 3.65
C GLY A 123 -13.43 -3.79 3.11
N GLY A 124 -13.55 -3.78 1.77
CA GLY A 124 -14.77 -4.28 1.15
C GLY A 124 -15.14 -5.68 1.59
N GLY A 125 -14.14 -6.53 1.86
CA GLY A 125 -14.40 -7.91 2.22
C GLY A 125 -15.01 -8.09 3.59
N ALA A 126 -14.95 -7.08 4.45
CA ALA A 126 -15.67 -7.14 5.72
C ALA A 126 -17.17 -7.24 5.47
N TYR A 127 -17.65 -6.61 4.41
CA TYR A 127 -19.05 -6.74 4.01
C TYR A 127 -19.27 -7.99 3.16
N LYS A 128 -18.41 -8.20 2.16
CA LYS A 128 -18.65 -9.28 1.20
C LYS A 128 -18.63 -10.64 1.88
N PHE A 129 -17.70 -10.85 2.82
CA PHE A 129 -17.53 -12.14 3.48
C PHE A 129 -18.04 -12.14 4.92
N GLU A 130 -18.89 -11.17 5.27
CA GLU A 130 -19.47 -11.13 6.61
C GLU A 130 -20.10 -12.47 7.00
N LYS A 131 -20.90 -13.04 6.11
CA LYS A 131 -21.59 -14.28 6.44
C LYS A 131 -20.61 -15.43 6.63
N ASP A 132 -19.50 -15.43 5.88
CA ASP A 132 -18.51 -16.49 6.01
C ASP A 132 -17.82 -16.42 7.36
N PHE A 133 -17.43 -15.23 7.80
CA PHE A 133 -16.83 -15.07 9.12
C PHE A 133 -17.77 -15.56 10.22
N ARG A 134 -19.08 -15.42 10.03
CA ARG A 134 -20.01 -15.87 11.04
C ARG A 134 -20.20 -17.38 11.07
N THR A 135 -19.61 -18.14 10.13
CA THR A 135 -19.59 -19.59 10.28
C THR A 135 -18.69 -20.02 11.43
N ILE A 136 -17.77 -19.16 11.87
CA ILE A 136 -16.99 -19.41 13.07
C ILE A 136 -17.86 -19.04 14.27
N GLY A 137 -18.31 -20.06 15.01
CA GLY A 137 -19.29 -19.83 16.06
C GLY A 137 -18.83 -18.86 17.13
N ASN A 138 -17.56 -18.94 17.52
CA ASN A 138 -17.07 -18.10 18.62
C ASN A 138 -16.43 -16.82 18.10
N LEU A 139 -17.14 -16.12 17.23
CA LEU A 139 -16.64 -14.93 16.56
C LEU A 139 -17.71 -13.86 16.47
N HIS A 140 -17.42 -12.66 16.97
CA HIS A 140 -18.23 -11.48 16.75
C HIS A 140 -17.51 -10.57 15.76
N LEU A 141 -18.18 -10.22 14.67
CA LEU A 141 -17.59 -9.44 13.59
C LEU A 141 -18.07 -8.00 13.67
N HIS A 142 -17.14 -7.06 13.78
CA HIS A 142 -17.47 -5.63 13.78
C HIS A 142 -16.85 -4.99 12.55
N LYS A 143 -17.69 -4.54 11.63
CA LYS A 143 -17.22 -3.93 10.40
C LYS A 143 -16.91 -2.45 10.63
N LEU A 144 -15.77 -2.01 10.12
CA LEU A 144 -15.33 -0.62 10.23
C LEU A 144 -14.98 -0.09 8.84
N ASP A 145 -15.13 1.22 8.66
CA ASP A 145 -14.97 1.78 7.31
C ASP A 145 -13.53 1.76 6.84
N GLU A 146 -13.35 1.44 5.55
CA GLU A 146 -12.04 1.17 4.97
C GLU A 146 -11.12 2.37 5.10
N LEU A 147 -11.66 3.58 4.96
CA LEU A 147 -10.81 4.76 4.95
C LEU A 147 -10.73 5.43 6.31
N ASP A 148 -11.76 5.30 7.16
CA ASP A 148 -11.63 5.69 8.57
CA ASP A 148 -11.61 5.71 8.56
C ASP A 148 -10.51 4.91 9.25
N CYS A 149 -10.41 3.61 8.97
CA CYS A 149 -9.37 2.78 9.56
C CYS A 149 -8.00 3.19 9.05
N LEU A 150 -7.92 3.48 7.74
CA LEU A 150 -6.68 3.95 7.13
C LEU A 150 -6.15 5.19 7.84
N VAL A 151 -7.02 6.18 8.06
CA VAL A 151 -6.58 7.43 8.67
C VAL A 151 -6.09 7.20 10.09
N LYS A 152 -6.89 6.49 10.89
CA LYS A 152 -6.52 6.18 12.26
C LYS A 152 -5.23 5.35 12.33
N GLY A 153 -5.12 4.35 11.46
CA GLY A 153 -3.92 3.51 11.47
C GLY A 153 -2.67 4.30 11.11
N LEU A 154 -2.75 5.08 10.03
CA LEU A 154 -1.61 5.89 9.60
C LEU A 154 -1.16 6.85 10.70
N LEU A 155 -2.12 7.58 11.30
CA LEU A 155 -1.75 8.55 12.32
C LEU A 155 -1.19 7.87 13.56
N TYR A 156 -1.65 6.66 13.85
CA TYR A 156 -1.16 5.96 15.05
C TYR A 156 0.27 5.48 14.85
N ILE A 157 0.54 4.77 13.75
CA ILE A 157 1.87 4.22 13.52
C ILE A 157 2.91 5.34 13.47
N ASP A 158 2.62 6.43 12.75
CA ASP A 158 3.57 7.52 12.73
C ASP A 158 3.78 8.12 14.11
N SER A 159 2.74 8.11 14.94
CA SER A 159 2.84 8.71 16.26
C SER A 159 3.71 7.88 17.19
N VAL A 160 3.67 6.55 17.06
CA VAL A 160 4.51 5.69 17.91
C VAL A 160 5.91 5.45 17.34
N SER A 161 6.13 5.79 16.07
CA SER A 161 7.40 5.66 15.35
C SER A 161 7.66 4.20 14.95
N PHE A 162 8.60 4.00 14.04
CA PHE A 162 9.01 2.67 13.59
C PHE A 162 10.21 2.22 14.44
N ASN A 163 9.90 1.77 15.66
CA ASN A 163 10.93 1.36 16.64
C ASN A 163 11.96 2.48 16.84
N GLY A 164 11.49 3.72 16.90
CA GLY A 164 12.35 4.86 17.14
C GLY A 164 12.74 5.60 15.88
N GLN A 165 12.67 4.96 14.72
CA GLN A 165 12.93 5.57 13.43
C GLN A 165 11.65 6.18 12.87
N ALA A 166 11.83 7.08 11.91
CA ALA A 166 10.70 7.72 11.27
C ALA A 166 9.88 6.68 10.51
N GLU A 167 8.55 6.78 10.65
CA GLU A 167 7.67 5.99 9.82
C GLU A 167 7.57 6.58 8.41
N CYS A 168 7.77 7.88 8.28
CA CYS A 168 7.54 8.58 7.02
C CYS A 168 8.87 8.96 6.38
N TYR A 169 8.96 8.84 5.05
CA TYR A 169 10.19 9.19 4.35
C TYR A 169 9.88 9.76 2.98
N TYR A 170 10.85 10.48 2.43
CA TYR A 170 10.76 11.03 1.08
C TYR A 170 12.09 10.80 0.38
N PHE A 171 12.10 11.06 -0.93
CA PHE A 171 13.33 10.96 -1.72
C PHE A 171 13.87 12.37 -1.93
N ALA A 172 14.96 12.67 -1.23
CA ALA A 172 15.60 13.98 -1.33
C ALA A 172 16.19 14.18 -2.73
N ASN A 173 16.09 15.41 -3.24
CA ASN A 173 16.61 15.78 -4.55
C ASN A 173 16.21 14.74 -5.60
N ALA A 174 14.90 14.48 -5.66
CA ALA A 174 14.39 13.45 -6.53
C ALA A 174 14.59 13.74 -8.01
N SER A 175 15.00 14.96 -8.37
CA SER A 175 15.24 15.29 -9.76
C SER A 175 16.65 14.94 -10.22
N GLU A 176 17.60 14.74 -9.30
CA GLU A 176 18.98 14.42 -9.63
C GLU A 176 19.31 13.01 -9.16
N PRO A 177 19.63 12.07 -10.06
CA PRO A 177 19.78 10.67 -9.63
C PRO A 177 21.07 10.38 -8.88
N GLU A 178 22.14 11.12 -9.16
CA GLU A 178 23.35 10.98 -8.38
C GLU A 178 23.18 11.44 -6.94
N ARG A 179 22.07 12.12 -6.63
CA ARG A 179 21.78 12.61 -5.29
C ARG A 179 20.53 12.01 -4.68
N CYS A 180 19.63 11.44 -5.47
CA CYS A 180 18.33 10.97 -4.98
C CYS A 180 18.51 9.88 -3.93
N GLN A 181 18.07 10.15 -2.71
CA GLN A 181 18.25 9.20 -1.62
C GLN A 181 17.09 9.30 -0.63
N LYS A 182 16.74 8.15 -0.05
CA LYS A 182 15.69 8.09 0.96
C LYS A 182 16.10 8.82 2.24
N MET A 183 15.24 9.74 2.69
CA MET A 183 15.48 10.52 3.92
C MET A 183 14.21 10.52 4.77
N PRO A 184 14.35 10.52 6.10
CA PRO A 184 13.18 10.56 6.98
C PRO A 184 12.43 11.88 6.86
N PHE A 185 11.15 11.86 7.20
CA PHE A 185 10.30 13.04 7.10
C PHE A 185 9.38 13.12 8.31
N ASN A 186 9.35 14.29 8.95
CA ASN A 186 8.62 14.45 10.20
C ASN A 186 7.15 14.80 9.93
N LEU A 187 6.24 14.01 10.49
CA LEU A 187 4.80 14.23 10.40
C LEU A 187 4.19 14.54 11.76
N ASP A 188 4.86 15.35 12.58
CA ASP A 188 4.35 15.61 13.92
C ASP A 188 3.13 16.54 13.88
N ASP A 189 3.09 17.46 12.93
CA ASP A 189 1.89 18.24 12.67
C ASP A 189 1.38 17.82 11.30
N PRO A 190 0.65 16.71 11.20
CA PRO A 190 0.46 16.06 9.90
C PRO A 190 -0.69 16.63 9.10
N TYR A 191 -1.18 17.81 9.47
CA TYR A 191 -2.35 18.30 8.75
C TYR A 191 -2.04 19.62 8.06
N PRO A 192 -2.61 19.87 6.87
CA PRO A 192 -3.44 18.91 6.13
C PRO A 192 -2.59 17.91 5.37
N LEU A 193 -3.21 16.84 4.89
CA LEU A 193 -2.48 15.76 4.23
C LEU A 193 -3.35 15.17 3.13
N LEU A 194 -2.77 14.93 1.95
CA LEU A 194 -3.41 14.15 0.89
C LEU A 194 -2.87 12.73 0.95
N VAL A 195 -3.75 11.77 1.15
CA VAL A 195 -3.40 10.37 1.21
C VAL A 195 -3.85 9.69 -0.07
N VAL A 196 -2.93 9.03 -0.76
CA VAL A 196 -3.22 8.34 -2.01
C VAL A 196 -3.04 6.85 -1.75
N ASN A 197 -4.15 6.13 -1.70
CA ASN A 197 -4.17 4.71 -1.34
C ASN A 197 -4.21 3.90 -2.63
N ILE A 198 -3.05 3.36 -3.02
CA ILE A 198 -2.92 2.60 -4.25
C ILE A 198 -3.07 1.12 -3.88
N GLY A 199 -4.30 0.61 -4.00
CA GLY A 199 -4.55 -0.81 -3.87
C GLY A 199 -4.89 -1.39 -5.23
N SER A 200 -5.92 -2.24 -5.28
CA SER A 200 -6.49 -2.67 -6.57
C SER A 200 -6.81 -1.46 -7.43
N GLY A 201 -7.63 -0.55 -6.88
CA GLY A 201 -7.81 0.78 -7.41
C GLY A 201 -7.12 1.81 -6.55
N VAL A 202 -7.55 3.06 -6.69
CA VAL A 202 -6.91 4.16 -5.99
C VAL A 202 -8.00 4.99 -5.33
N SER A 203 -7.85 5.23 -4.03
CA SER A 203 -8.64 6.21 -3.31
C SER A 203 -7.75 7.38 -2.93
N ILE A 204 -8.27 8.59 -3.05
CA ILE A 204 -7.53 9.80 -2.68
C ILE A 204 -8.31 10.54 -1.60
N LEU A 205 -7.67 10.72 -0.46
CA LEU A 205 -8.25 11.32 0.73
C LEU A 205 -7.58 12.64 1.03
N ALA A 206 -8.37 13.62 1.48
CA ALA A 206 -7.89 14.87 2.03
C ALA A 206 -8.14 14.84 3.53
N VAL A 207 -7.07 14.79 4.31
CA VAL A 207 -7.16 14.71 5.76
C VAL A 207 -6.84 16.10 6.31
N HIS A 208 -7.84 16.74 6.93
CA HIS A 208 -7.67 18.07 7.50
C HIS A 208 -7.44 18.05 9.01
N SER A 209 -7.94 17.03 9.70
CA SER A 209 -7.68 16.84 11.11
C SER A 209 -7.91 15.37 11.42
N LYS A 210 -7.76 15.00 12.70
CA LYS A 210 -7.94 13.61 13.09
C LYS A 210 -9.38 13.14 12.93
N ASP A 211 -10.34 14.06 12.92
CA ASP A 211 -11.75 13.73 12.77
C ASP A 211 -12.38 14.34 11.53
N ASN A 212 -11.60 14.94 10.64
CA ASN A 212 -12.12 15.67 9.48
C ASN A 212 -11.32 15.26 8.25
N TYR A 213 -11.89 14.37 7.45
CA TYR A 213 -11.27 13.90 6.23
C TYR A 213 -12.36 13.52 5.26
N LYS A 214 -12.07 13.66 3.97
CA LYS A 214 -13.00 13.25 2.93
C LYS A 214 -12.24 12.48 1.84
N ARG A 215 -12.95 11.55 1.20
CA ARG A 215 -12.47 10.94 -0.04
C ARG A 215 -12.67 11.95 -1.17
N VAL A 216 -11.58 12.53 -1.67
CA VAL A 216 -11.69 13.54 -2.72
C VAL A 216 -12.21 12.90 -4.01
N THR A 217 -11.65 11.77 -4.38
CA THR A 217 -12.00 11.07 -5.60
C THR A 217 -11.30 9.72 -5.54
N GLY A 218 -11.33 9.00 -6.66
CA GLY A 218 -10.51 7.80 -6.81
C GLY A 218 -10.26 7.60 -8.29
N THR A 219 -9.46 6.60 -8.60
CA THR A 219 -9.32 6.16 -9.97
C THR A 219 -9.23 4.64 -9.99
N SER A 220 -9.77 4.04 -11.05
CA SER A 220 -9.69 2.59 -11.22
C SER A 220 -8.40 2.15 -11.87
N LEU A 221 -7.49 3.07 -12.21
CA LEU A 221 -6.21 2.69 -12.80
C LEU A 221 -5.20 2.58 -11.66
N GLY A 222 -5.14 1.39 -11.04
CA GLY A 222 -4.36 1.19 -9.84
C GLY A 222 -3.50 -0.06 -9.95
N GLY A 223 -3.18 -0.63 -8.78
CA GLY A 223 -2.29 -1.78 -8.76
C GLY A 223 -2.84 -2.98 -9.51
N GLY A 224 -4.17 -3.17 -9.47
CA GLY A 224 -4.73 -4.29 -10.20
C GLY A 224 -4.65 -4.10 -11.70
N THR A 225 -4.69 -2.83 -12.17
CA THR A 225 -4.47 -2.56 -13.59
C THR A 225 -3.05 -2.89 -14.00
N PHE A 226 -2.06 -2.48 -13.18
CA PHE A 226 -0.70 -2.88 -13.46
C PHE A 226 -0.57 -4.39 -13.55
N LEU A 227 -1.07 -5.08 -12.52
CA LEU A 227 -0.90 -6.53 -12.46
C LEU A 227 -1.73 -7.24 -13.54
N GLY A 228 -2.98 -6.81 -13.75
CA GLY A 228 -3.80 -7.42 -14.79
C GLY A 228 -3.24 -7.20 -16.19
N LEU A 229 -2.91 -5.95 -16.53
CA LEU A 229 -2.38 -5.68 -17.87
C LEU A 229 -1.05 -6.36 -18.09
N CYS A 230 -0.18 -6.31 -17.09
CA CYS A 230 1.12 -6.95 -17.21
C CYS A 230 0.98 -8.45 -17.45
N SER A 231 0.05 -9.10 -16.76
CA SER A 231 -0.13 -10.54 -16.96
C SER A 231 -0.63 -10.85 -18.37
N LEU A 232 -1.58 -10.05 -18.86
CA LEU A 232 -2.05 -10.23 -20.23
C LEU A 232 -0.91 -10.01 -21.24
N LEU A 233 -0.10 -8.96 -21.03
CA LEU A 233 0.89 -8.57 -22.04
C LEU A 233 2.16 -9.40 -21.98
N THR A 234 2.54 -9.89 -20.80
CA THR A 234 3.83 -10.53 -20.63
C THR A 234 3.75 -11.95 -20.11
N GLY A 235 2.60 -12.40 -19.62
CA GLY A 235 2.51 -13.74 -19.07
C GLY A 235 3.13 -13.91 -17.69
N CYS A 236 3.57 -12.82 -17.06
CA CYS A 236 4.09 -12.90 -15.70
C CYS A 236 3.07 -13.52 -14.77
N GLU A 237 3.56 -14.27 -13.77
CA GLU A 237 2.67 -15.00 -12.88
C GLU A 237 2.68 -14.46 -11.45
N SER A 238 3.46 -13.44 -11.14
CA SER A 238 3.38 -12.81 -9.82
C SER A 238 3.64 -11.32 -9.94
N PHE A 239 3.20 -10.60 -8.91
CA PHE A 239 3.53 -9.18 -8.79
C PHE A 239 5.03 -8.96 -8.82
N GLU A 240 5.77 -9.79 -8.07
CA GLU A 240 7.22 -9.63 -8.00
C GLU A 240 7.88 -9.91 -9.35
N GLU A 241 7.39 -10.91 -10.08
CA GLU A 241 7.95 -11.18 -11.40
C GLU A 241 7.68 -10.02 -12.36
N ALA A 242 6.50 -9.42 -12.26
CA ALA A 242 6.18 -8.24 -13.06
C ALA A 242 7.17 -7.11 -12.79
N LEU A 243 7.47 -6.84 -11.51
CA LEU A 243 8.43 -5.79 -11.20
C LEU A 243 9.81 -6.15 -11.72
N GLU A 244 10.19 -7.43 -11.62
CA GLU A 244 11.50 -7.85 -12.12
C GLU A 244 11.60 -7.68 -13.63
N MET A 245 10.55 -8.04 -14.37
CA MET A 245 10.54 -7.78 -15.81
C MET A 245 10.64 -6.28 -16.08
N ALA A 246 9.87 -5.46 -15.35
CA ALA A 246 9.87 -4.03 -15.60
C ALA A 246 11.23 -3.41 -15.34
N SER A 247 11.98 -3.95 -14.37
CA SER A 247 13.29 -3.39 -14.07
C SER A 247 14.26 -3.57 -15.22
N LYS A 248 14.02 -4.56 -16.08
CA LYS A 248 14.91 -4.85 -17.19
C LYS A 248 14.44 -4.22 -18.51
N GLY A 249 13.29 -3.55 -18.49
CA GLY A 249 12.71 -3.06 -19.72
C GLY A 249 13.08 -1.63 -20.06
N ASP A 250 12.66 -1.21 -21.26
CA ASP A 250 12.77 0.18 -21.72
C ASP A 250 11.36 0.58 -22.17
N SER A 251 10.68 1.39 -21.35
CA SER A 251 9.30 1.77 -21.68
C SER A 251 9.20 2.60 -22.95
N THR A 252 10.28 3.27 -23.35
CA THR A 252 10.22 4.11 -24.55
C THR A 252 10.11 3.29 -25.83
N GLN A 253 10.34 1.97 -25.76
CA GLN A 253 10.05 1.11 -26.91
C GLN A 253 8.55 1.05 -27.19
N ALA A 254 7.71 1.09 -26.16
CA ALA A 254 6.26 1.05 -26.32
C ALA A 254 5.60 2.42 -26.35
N ASP A 255 6.15 3.40 -25.62
CA ASP A 255 5.55 4.72 -25.46
C ASP A 255 6.01 5.64 -26.58
N LYS A 256 5.09 6.49 -27.04
CA LYS A 256 5.47 7.56 -27.97
C LYS A 256 5.78 8.83 -27.16
N LEU A 257 6.97 9.40 -27.37
CA LEU A 257 7.42 10.52 -26.57
C LEU A 257 7.14 11.84 -27.27
N VAL A 258 7.21 12.94 -26.52
CA VAL A 258 7.07 14.26 -27.14
C VAL A 258 8.02 14.40 -28.31
N ARG A 259 9.26 13.92 -28.17
CA ARG A 259 10.20 14.11 -29.28
C ARG A 259 9.86 13.26 -30.49
N ASP A 260 9.09 12.17 -30.33
CA ASP A 260 8.65 11.40 -31.49
C ASP A 260 7.62 12.15 -32.32
N ILE A 261 6.93 13.11 -31.73
CA ILE A 261 5.89 13.89 -32.40
C ILE A 261 6.42 15.23 -32.88
N TYR A 262 7.19 15.92 -32.04
CA TYR A 262 7.71 17.24 -32.37
C TYR A 262 9.13 17.21 -32.92
N GLY A 263 9.85 16.09 -32.77
CA GLY A 263 11.27 16.10 -33.08
C GLY A 263 12.15 16.70 -32.00
N GLY A 264 11.58 17.07 -30.86
CA GLY A 264 12.32 17.65 -29.75
C GLY A 264 11.36 18.10 -28.66
N ASP A 265 11.80 19.09 -27.88
CA ASP A 265 10.93 19.69 -26.88
C ASP A 265 9.71 20.36 -27.54
N TYR A 266 8.61 20.43 -26.79
CA TYR A 266 7.50 21.33 -27.12
C TYR A 266 7.62 22.51 -26.16
N GLU A 267 8.48 23.47 -26.55
CA GLU A 267 8.88 24.53 -25.63
C GLU A 267 7.72 25.45 -25.27
N ARG A 268 6.80 25.68 -26.21
CA ARG A 268 5.72 26.64 -25.99
C ARG A 268 4.91 26.31 -24.74
N PHE A 269 4.76 25.04 -24.39
CA PHE A 269 4.03 24.64 -23.21
C PHE A 269 4.89 23.88 -22.22
N GLY A 270 6.20 24.12 -22.26
CA GLY A 270 7.11 23.54 -21.28
C GLY A 270 7.06 22.04 -21.20
N LEU A 271 6.99 21.37 -22.35
CA LEU A 271 6.95 19.91 -22.38
C LEU A 271 8.28 19.37 -22.89
N PRO A 272 9.07 18.68 -22.07
CA PRO A 272 10.38 18.22 -22.53
C PRO A 272 10.24 17.09 -23.52
N GLY A 273 11.25 16.94 -24.37
CA GLY A 273 11.21 15.89 -25.38
C GLY A 273 11.03 14.50 -24.81
N TRP A 274 11.48 14.29 -23.57
CA TRP A 274 11.42 12.96 -22.96
C TRP A 274 10.06 12.62 -22.37
N ALA A 275 9.20 13.62 -22.14
CA ALA A 275 7.90 13.32 -21.56
C ALA A 275 7.13 12.36 -22.47
N VAL A 276 6.36 11.49 -21.85
CA VAL A 276 5.53 10.56 -22.63
C VAL A 276 4.35 11.35 -23.20
N ALA A 277 4.22 11.36 -24.53
CA ALA A 277 3.03 11.96 -25.14
C ALA A 277 1.89 10.97 -25.30
N SER A 278 2.18 9.70 -25.60
CA SER A 278 1.11 8.72 -25.75
C SER A 278 1.60 7.38 -25.20
N SER A 279 1.03 6.96 -24.07
CA SER A 279 1.43 5.69 -23.47
C SER A 279 1.03 4.55 -24.41
N PHE A 280 1.94 3.61 -24.63
CA PHE A 280 1.77 2.52 -25.60
C PHE A 280 1.51 3.05 -27.00
N GLY A 281 1.77 4.33 -27.26
CA GLY A 281 1.41 4.92 -28.54
C GLY A 281 2.23 4.42 -29.72
N ASN A 282 3.42 3.89 -29.46
CA ASN A 282 4.20 3.28 -30.54
C ASN A 282 3.69 1.89 -30.90
N MET A 283 2.80 1.32 -30.10
CA MET A 283 2.26 0.00 -30.39
C MET A 283 1.15 0.04 -31.43
N ILE A 284 0.81 1.21 -31.98
CA ILE A 284 -0.09 1.22 -33.14
C ILE A 284 0.60 0.74 -34.40
N TYR A 285 1.92 0.58 -34.38
CA TYR A 285 2.65 0.15 -35.56
C TYR A 285 3.01 -1.32 -35.44
N LYS A 286 2.64 -2.12 -36.44
CA LYS A 286 2.83 -3.56 -36.36
C LYS A 286 4.29 -3.92 -36.18
N GLU A 287 5.19 -3.24 -36.90
CA GLU A 287 6.60 -3.58 -36.81
C GLU A 287 7.16 -3.28 -35.42
N LYS A 288 6.62 -2.28 -34.72
CA LYS A 288 7.11 -2.04 -33.36
C LYS A 288 6.55 -3.07 -32.39
N ARG A 289 5.27 -3.45 -32.55
CA ARG A 289 4.72 -4.51 -31.71
C ARG A 289 5.52 -5.79 -31.86
N GLU A 290 6.02 -6.06 -33.06
CA GLU A 290 6.78 -7.28 -33.31
C GLU A 290 8.18 -7.24 -32.73
N SER A 291 8.72 -6.06 -32.41
CA SER A 291 10.07 -5.97 -31.88
C SER A 291 10.13 -5.66 -30.40
N VAL A 292 9.02 -5.26 -29.79
CA VAL A 292 9.01 -4.94 -28.36
C VAL A 292 9.17 -6.23 -27.54
N SER A 293 9.83 -6.11 -26.39
CA SER A 293 10.03 -7.25 -25.50
C SER A 293 9.00 -7.22 -24.37
N LYS A 294 8.81 -8.38 -23.74
CA LYS A 294 7.93 -8.45 -22.58
C LYS A 294 8.40 -7.51 -21.47
N GLU A 295 9.72 -7.42 -21.27
CA GLU A 295 10.25 -6.51 -20.26
C GLU A 295 9.89 -5.06 -20.58
N ASP A 296 10.02 -4.66 -21.86
CA ASP A 296 9.58 -3.33 -22.28
C ASP A 296 8.12 -3.09 -21.94
N LEU A 297 7.26 -4.07 -22.21
CA LEU A 297 5.83 -3.87 -21.97
C LEU A 297 5.51 -3.84 -20.48
N ALA A 298 6.19 -4.67 -19.69
CA ALA A 298 6.05 -4.58 -18.23
C ALA A 298 6.43 -3.18 -17.74
N ARG A 299 7.56 -2.67 -18.21
CA ARG A 299 8.00 -1.35 -17.78
C ARG A 299 7.03 -0.26 -18.25
N ALA A 300 6.55 -0.36 -19.49
CA ALA A 300 5.59 0.65 -19.96
C ALA A 300 4.30 0.58 -19.15
N THR A 301 3.88 -0.63 -18.75
CA THR A 301 2.68 -0.72 -17.92
C THR A 301 2.90 -0.04 -16.57
N LEU A 302 4.04 -0.33 -15.93
CA LEU A 302 4.36 0.27 -14.65
C LEU A 302 4.43 1.79 -14.76
N VAL A 303 5.17 2.26 -15.76
CA VAL A 303 5.34 3.70 -15.96
C VAL A 303 4.00 4.37 -16.23
N THR A 304 3.21 3.80 -17.14
CA THR A 304 1.88 4.36 -17.45
C THR A 304 1.01 4.47 -16.20
N ILE A 305 0.88 3.38 -15.45
CA ILE A 305 0.00 3.40 -14.27
C ILE A 305 0.54 4.37 -13.22
N THR A 306 1.85 4.34 -12.99
CA THR A 306 2.43 5.16 -11.93
C THR A 306 2.30 6.65 -12.25
N ASN A 307 2.69 7.08 -13.46
CA ASN A 307 2.58 8.49 -13.83
C ASN A 307 1.14 8.97 -13.79
N ASN A 308 0.19 8.14 -14.20
CA ASN A 308 -1.19 8.58 -14.17
C ASN A 308 -1.66 8.81 -12.74
N ILE A 309 -1.25 7.92 -11.81
CA ILE A 309 -1.56 8.14 -10.41
C ILE A 309 -0.88 9.42 -9.91
N GLY A 310 0.38 9.63 -10.28
CA GLY A 310 1.05 10.83 -9.84
C GLY A 310 0.38 12.09 -10.34
N SER A 311 -0.08 12.05 -11.59
CA SER A 311 -0.75 13.22 -12.16
C SER A 311 -2.09 13.48 -11.47
N VAL A 312 -2.85 12.41 -11.24
CA VAL A 312 -4.12 12.57 -10.54
C VAL A 312 -3.89 13.13 -9.14
N ALA A 313 -2.88 12.60 -8.44
CA ALA A 313 -2.58 13.09 -7.11
C ALA A 313 -2.20 14.56 -7.15
N ARG A 314 -1.41 14.96 -8.15
CA ARG A 314 -1.02 16.36 -8.24
C ARG A 314 -2.26 17.25 -8.44
N MET A 315 -3.20 16.83 -9.28
CA MET A 315 -4.35 17.69 -9.54
C MET A 315 -5.23 17.83 -8.30
N CYS A 316 -5.40 16.74 -7.55
CA CYS A 316 -6.17 16.80 -6.31
C CYS A 316 -5.49 17.69 -5.28
N ALA A 317 -4.16 17.54 -5.14
CA ALA A 317 -3.43 18.38 -4.19
C ALA A 317 -3.56 19.85 -4.53
N VAL A 318 -3.48 20.19 -5.82
CA VAL A 318 -3.66 21.58 -6.22
C VAL A 318 -5.06 22.06 -5.87
N ASN A 319 -6.07 21.24 -6.18
CA ASN A 319 -7.46 21.65 -5.92
C ASN A 319 -7.76 21.71 -4.43
N GLU A 320 -7.16 20.81 -3.65
CA GLU A 320 -7.40 20.83 -2.21
C GLU A 320 -6.50 21.82 -1.49
N LYS A 321 -5.51 22.39 -2.19
CA LYS A 321 -4.52 23.31 -1.62
C LYS A 321 -3.70 22.62 -0.53
N ILE A 322 -3.21 21.42 -0.84
CA ILE A 322 -2.43 20.59 0.07
C ILE A 322 -1.11 20.29 -0.62
N ASN A 323 0.01 20.50 0.08
CA ASN A 323 1.32 20.28 -0.54
C ASN A 323 2.03 19.02 -0.06
N ARG A 324 1.47 18.28 0.89
CA ARG A 324 2.04 17.01 1.32
C ARG A 324 1.17 15.87 0.82
N VAL A 325 1.75 15.00 0.01
CA VAL A 325 1.03 13.89 -0.60
C VAL A 325 1.73 12.60 -0.18
N VAL A 326 1.04 11.79 0.61
CA VAL A 326 1.59 10.51 1.07
C VAL A 326 0.94 9.38 0.28
N PHE A 327 1.78 8.48 -0.25
CA PHE A 327 1.31 7.34 -1.04
C PHE A 327 1.39 6.07 -0.20
N VAL A 328 0.28 5.33 -0.13
CA VAL A 328 0.25 4.06 0.59
C VAL A 328 -0.41 3.00 -0.28
N GLY A 329 -0.63 1.83 0.31
CA GLY A 329 -1.16 0.69 -0.42
C GLY A 329 -0.03 -0.18 -0.93
N ASN A 330 -0.39 -1.41 -1.29
CA ASN A 330 0.65 -2.39 -1.58
C ASN A 330 1.15 -2.35 -3.03
N PHE A 331 0.61 -1.48 -3.87
CA PHE A 331 1.22 -1.33 -5.18
C PHE A 331 2.68 -0.90 -5.07
N LEU A 332 3.03 -0.20 -3.99
CA LEU A 332 4.40 0.29 -3.77
C LEU A 332 5.28 -0.62 -2.91
N ARG A 333 4.78 -1.71 -2.34
CA ARG A 333 5.70 -2.56 -1.60
C ARG A 333 6.70 -3.19 -2.59
N VAL A 334 7.94 -3.32 -2.11
CA VAL A 334 9.14 -3.74 -2.84
C VAL A 334 9.18 -3.15 -4.26
N ASN A 335 8.65 -1.94 -4.42
CA ASN A 335 8.51 -1.29 -5.72
C ASN A 335 9.15 0.08 -5.66
N THR A 336 10.49 0.10 -5.60
CA THR A 336 11.22 1.35 -5.53
CA THR A 336 11.23 1.36 -5.53
C THR A 336 11.15 2.12 -6.85
N LEU A 337 11.02 1.41 -7.97
CA LEU A 337 10.85 2.09 -9.25
C LEU A 337 9.66 3.05 -9.21
N SER A 338 8.47 2.53 -8.84
CA SER A 338 7.31 3.42 -8.82
C SER A 338 7.44 4.54 -7.80
N MET A 339 8.10 4.27 -6.66
CA MET A 339 8.26 5.33 -5.67
C MET A 339 9.13 6.45 -6.23
N LYS A 340 10.26 6.10 -6.84
CA LYS A 340 11.12 7.11 -7.44
C LYS A 340 10.43 7.82 -8.59
N LEU A 341 9.63 7.08 -9.37
CA LEU A 341 8.87 7.73 -10.43
C LEU A 341 7.90 8.75 -9.85
N LEU A 342 7.23 8.39 -8.75
CA LEU A 342 6.29 9.33 -8.14
C LEU A 342 7.02 10.51 -7.52
N ALA A 343 8.13 10.25 -6.82
CA ALA A 343 8.92 11.34 -6.24
C ALA A 343 9.37 12.33 -7.32
N TYR A 344 9.93 11.81 -8.41
CA TYR A 344 10.47 12.70 -9.43
C TYR A 344 9.35 13.46 -10.13
N ALA A 345 8.24 12.79 -10.42
CA ALA A 345 7.17 13.42 -11.20
C ALA A 345 6.49 14.54 -10.43
N LEU A 346 6.11 14.29 -9.17
CA LEU A 346 5.47 15.34 -8.39
C LEU A 346 6.38 16.54 -8.24
N ASP A 347 7.66 16.30 -7.98
CA ASP A 347 8.60 17.42 -7.83
C ASP A 347 8.79 18.15 -9.15
N TYR A 348 8.93 17.42 -10.25
CA TYR A 348 9.18 18.09 -11.52
C TYR A 348 7.96 18.88 -11.97
N TRP A 349 6.79 18.24 -12.03
CA TRP A 349 5.64 18.91 -12.63
C TRP A 349 5.05 19.99 -11.73
N SER A 350 5.24 19.91 -10.41
CA SER A 350 4.79 20.97 -9.52
C SER A 350 5.86 22.04 -9.29
N LYS A 351 6.97 21.96 -10.03
CA LYS A 351 8.09 22.89 -9.89
C LYS A 351 8.55 22.97 -8.43
N GLY A 352 8.52 21.83 -7.75
CA GLY A 352 8.95 21.77 -6.38
C GLY A 352 7.94 22.18 -5.34
N GLN A 353 6.68 22.38 -5.72
CA GLN A 353 5.67 22.79 -4.74
C GLN A 353 5.01 21.63 -4.02
N LEU A 354 5.09 20.42 -4.56
CA LEU A 354 4.54 19.24 -3.90
C LEU A 354 5.67 18.27 -3.57
N LYS A 355 5.50 17.54 -2.48
CA LYS A 355 6.45 16.51 -2.07
C LYS A 355 5.74 15.17 -1.97
N ALA A 356 6.31 14.16 -2.62
CA ALA A 356 5.84 12.78 -2.47
C ALA A 356 6.40 12.16 -1.19
N LEU A 357 5.51 11.70 -0.32
CA LEU A 357 5.89 11.07 0.94
C LEU A 357 5.49 9.61 0.93
N PHE A 358 6.25 8.79 1.65
CA PHE A 358 6.02 7.36 1.70
C PHE A 358 6.11 6.89 3.15
N LEU A 359 5.57 5.71 3.41
CA LEU A 359 5.45 5.20 4.77
C LEU A 359 5.90 3.75 4.80
N GLU A 360 6.69 3.39 5.82
CA GLU A 360 7.25 2.04 5.88
C GLU A 360 6.18 0.96 6.01
N HIS A 361 5.07 1.26 6.67
CA HIS A 361 4.03 0.26 6.88
C HIS A 361 2.92 0.42 5.85
N GLU A 362 3.38 0.50 4.59
CA GLU A 362 2.58 0.98 3.46
C GLU A 362 1.19 0.35 3.38
N GLY A 363 1.13 -0.98 3.38
CA GLY A 363 -0.12 -1.65 3.09
C GLY A 363 -0.99 -1.96 4.28
N TYR A 364 -0.55 -1.62 5.50
CA TYR A 364 -1.13 -2.16 6.71
C TYR A 364 -1.97 -1.18 7.52
N PHE A 365 -2.14 0.07 7.06
CA PHE A 365 -2.73 1.05 7.97
C PHE A 365 -4.20 0.72 8.28
N GLY A 366 -4.95 0.21 7.29
CA GLY A 366 -6.32 -0.19 7.58
C GLY A 366 -6.42 -1.28 8.64
N ALA A 367 -5.57 -2.31 8.53
CA ALA A 367 -5.59 -3.38 9.51
C ALA A 367 -5.30 -2.86 10.92
N VAL A 368 -4.38 -1.90 11.03
CA VAL A 368 -4.04 -1.32 12.34
C VAL A 368 -5.21 -0.49 12.85
N GLY A 369 -5.82 0.30 11.97
CA GLY A 369 -6.96 1.10 12.41
C GLY A 369 -8.11 0.24 12.90
N ALA A 370 -8.37 -0.88 12.21
CA ALA A 370 -9.35 -1.83 12.69
C ALA A 370 -9.03 -2.32 14.09
N LEU A 371 -7.78 -2.75 14.31
CA LEU A 371 -7.40 -3.23 15.63
C LEU A 371 -7.64 -2.16 16.69
N LEU A 372 -7.40 -0.89 16.34
CA LEU A 372 -7.60 0.20 17.28
C LEU A 372 -9.08 0.44 17.60
N GLY A 373 -10.01 -0.10 16.83
CA GLY A 373 -11.42 0.02 17.19
C GLY A 373 -11.89 -0.95 18.26
N LEU A 374 -11.02 -1.85 18.69
CA LEU A 374 -11.40 -2.89 19.64
C LEU A 374 -12.02 -2.35 20.93
N PRO A 375 -11.53 -1.28 21.55
CA PRO A 375 -12.18 -0.81 22.79
C PRO A 375 -13.67 -0.50 22.63
N ASN A 376 -14.10 -0.07 21.45
CA ASN A 376 -15.49 0.31 21.23
C ASN A 376 -16.42 -0.89 21.27
N PHE A 377 -15.88 -2.08 21.54
CA PHE A 377 -16.68 -3.30 21.53
C PHE A 377 -16.37 -4.17 22.74
#